data_7FD0
#
_entry.id   7FD0
#
_cell.length_a   46.832
_cell.length_b   98.330
_cell.length_c   125.958
_cell.angle_alpha   90.000
_cell.angle_beta   90.000
_cell.angle_gamma   90.000
#
_symmetry.space_group_name_H-M   'P 21 21 21'
#
loop_
_entity.id
_entity.type
_entity.pdbx_description
1 polymer 'Receptor-interacting serine/threonine-protein kinase 1'
2 non-polymer N-[(3S)-5-methyl-7-[2-(oxan-4-yl)ethynyl]-4-oxidanylidene-2,3-dihydro-1,5-benzoxazepin-3-yl]-5-(phenylmethyl)-4H-1,2,4-triazole-3-carboxamide
3 water water
#
_entity_poly.entity_id   1
_entity_poly.type   'polypeptide(L)'
_entity_poly.pdbx_seq_one_letter_code
;GASMQPDMSLNVIKMKSSDFLESAELDSGGFGKVSLAFHRTQGLMIMKTVYKGPNCIEHNEALLEEAKMMNRLRHSRVVK
LLGVIIEEGKYSLVMEYMEKGNLMHVLKAEMSTPLSVKGRIILEIIEGMAYLHGKGVIHKDLKPENILVDNDFHIKIADL
GLASFKMWSKLNNEEHNELREVDGTAKKNGGTLYYMAPEHLNDVNAKPTEKSDVYSFAVVLWAIFANKEPYENAIAEQQL
IMAIKSGNRPDVDDITEYCPREIISLMKLCWEANPEARPTFPGIEEKFRPFYLSQLE
;
_entity_poly.pdbx_strand_id   A,B
#
# COMPACT_ATOMS: atom_id res chain seq x y z
N VAL A 12 19.18 -5.61 5.42
CA VAL A 12 19.11 -6.94 6.01
C VAL A 12 20.31 -7.17 6.94
N ILE A 13 20.07 -7.78 8.09
CA ILE A 13 21.13 -8.09 9.03
C ILE A 13 21.84 -9.35 8.56
N LYS A 14 23.17 -9.34 8.58
CA LYS A 14 23.97 -10.53 8.33
C LYS A 14 24.13 -11.26 9.66
N MET A 15 23.23 -12.20 9.91
CA MET A 15 23.23 -12.94 11.16
C MET A 15 24.18 -14.14 11.13
N LYS A 16 24.65 -14.53 12.31
CA LYS A 16 25.47 -15.73 12.50
C LYS A 16 24.67 -16.80 13.23
N SER A 17 24.92 -18.07 12.89
CA SER A 17 24.26 -19.15 13.63
C SER A 17 24.52 -19.06 15.13
N SER A 18 25.63 -18.43 15.52
CA SER A 18 25.93 -18.21 16.94
C SER A 18 25.04 -17.12 17.55
N ASP A 19 24.37 -16.30 16.74
CA ASP A 19 23.42 -15.33 17.28
C ASP A 19 22.23 -16.00 17.94
N PHE A 20 22.05 -17.30 17.73
CA PHE A 20 20.85 -18.02 18.11
C PHE A 20 21.17 -19.02 19.21
N LEU A 21 20.40 -18.95 20.30
CA LEU A 21 20.67 -19.79 21.47
C LEU A 21 20.18 -21.21 21.25
N GLU A 22 18.91 -21.37 20.87
CA GLU A 22 18.27 -22.67 20.68
C GLU A 22 17.13 -22.49 19.68
N SER A 23 16.59 -23.62 19.24
CA SER A 23 15.48 -23.60 18.28
C SER A 23 14.66 -24.88 18.41
N ALA A 24 13.40 -24.79 17.98
CA ALA A 24 12.46 -25.90 18.03
C ALA A 24 11.76 -25.98 16.67
N GLU A 25 11.60 -27.21 16.17
CA GLU A 25 10.96 -27.41 14.88
C GLU A 25 9.48 -27.01 14.89
N LEU A 26 9.02 -26.46 13.77
CA LEU A 26 7.62 -26.10 13.57
C LEU A 26 7.11 -26.69 12.26
N ASP A 27 5.79 -26.84 12.19
CA ASP A 27 5.14 -27.15 10.93
C ASP A 27 5.12 -25.90 10.05
N SER A 28 5.81 -25.98 8.90
CA SER A 28 5.85 -24.83 7.99
C SER A 28 4.65 -24.78 7.05
N GLY A 29 3.75 -25.76 7.13
CA GLY A 29 2.58 -25.75 6.26
C GLY A 29 2.87 -26.16 4.83
N GLY A 30 3.77 -27.11 4.64
CA GLY A 30 4.05 -27.63 3.32
C GLY A 30 5.30 -27.08 2.66
N PHE A 31 6.22 -26.49 3.43
CA PHE A 31 7.39 -25.83 2.86
C PHE A 31 8.69 -26.35 3.48
N GLY A 32 8.72 -27.65 3.83
CA GLY A 32 9.92 -28.23 4.42
C GLY A 32 10.16 -27.82 5.87
N LYS A 33 11.32 -28.24 6.37
CA LYS A 33 11.68 -28.04 7.77
C LYS A 33 12.00 -26.57 8.06
N VAL A 34 11.38 -26.04 9.10
CA VAL A 34 11.66 -24.70 9.63
C VAL A 34 11.66 -24.81 11.15
N SER A 35 12.17 -23.78 11.82
CA SER A 35 12.20 -23.81 13.27
C SER A 35 11.97 -22.42 13.84
N LEU A 36 11.45 -22.39 15.06
CA LEU A 36 11.37 -21.19 15.89
C LEU A 36 12.72 -21.04 16.56
N ALA A 37 13.48 -20.00 16.19
CA ALA A 37 14.80 -19.78 16.76
C ALA A 37 14.75 -18.56 17.66
N PHE A 38 15.57 -18.57 18.70
CA PHE A 38 15.63 -17.47 19.66
C PHE A 38 16.94 -16.72 19.46
N HIS A 39 16.84 -15.50 18.94
CA HIS A 39 18.01 -14.66 18.74
C HIS A 39 18.49 -14.11 20.08
N ARG A 40 19.81 -14.14 20.29
CA ARG A 40 20.34 -13.87 21.62
C ARG A 40 20.08 -12.44 22.08
N THR A 41 19.84 -11.50 21.15
CA THR A 41 19.46 -10.14 21.54
C THR A 41 18.12 -9.70 20.96
N GLN A 42 17.61 -10.37 19.93
CA GLN A 42 16.38 -9.92 19.30
C GLN A 42 15.19 -10.86 19.51
N GLY A 43 15.36 -11.96 20.24
CA GLY A 43 14.22 -12.81 20.55
C GLY A 43 13.78 -13.74 19.42
N LEU A 44 12.49 -14.07 19.43
CA LEU A 44 11.98 -15.18 18.63
C LEU A 44 11.89 -14.83 17.15
N MET A 45 12.29 -15.78 16.31
CA MET A 45 12.22 -15.62 14.86
C MET A 45 12.00 -16.99 14.24
N ILE A 46 11.74 -16.99 12.94
CA ILE A 46 11.57 -18.22 12.16
C ILE A 46 12.80 -18.37 11.27
N MET A 47 13.42 -19.52 11.34
CA MET A 47 14.62 -19.80 10.56
C MET A 47 14.30 -20.92 9.59
N LYS A 48 14.75 -20.75 8.35
CA LYS A 48 14.68 -21.80 7.34
C LYS A 48 16.10 -22.00 6.79
N THR A 49 16.71 -23.14 7.11
CA THR A 49 18.01 -23.48 6.54
C THR A 49 17.81 -24.00 5.14
N VAL A 50 18.47 -23.35 4.17
CA VAL A 50 18.26 -23.66 2.76
C VAL A 50 19.41 -24.51 2.22
N TYR A 51 20.64 -24.28 2.71
CA TYR A 51 21.81 -24.98 2.20
C TYR A 51 22.66 -25.45 3.36
N LYS A 52 23.05 -26.73 3.33
CA LYS A 52 24.01 -27.32 4.26
C LYS A 52 24.91 -28.26 3.45
N GLY A 53 26.10 -27.77 3.08
CA GLY A 53 27.02 -28.56 2.28
C GLY A 53 28.44 -28.02 2.30
N PRO A 54 29.23 -28.35 1.29
CA PRO A 54 30.60 -27.83 1.21
C PRO A 54 30.62 -26.35 0.83
N ASN A 55 31.80 -25.75 0.99
CA ASN A 55 31.96 -24.31 0.76
C ASN A 55 31.60 -23.93 -0.67
N CYS A 56 30.84 -22.85 -0.80
CA CYS A 56 30.48 -22.30 -2.11
C CYS A 56 30.49 -20.77 -2.04
N ILE A 57 31.66 -20.21 -1.69
CA ILE A 57 31.78 -18.78 -1.43
C ILE A 57 31.41 -17.95 -2.65
N GLU A 58 31.51 -18.52 -3.85
CA GLU A 58 31.26 -17.77 -5.07
C GLU A 58 29.89 -17.10 -5.06
N HIS A 59 28.88 -17.79 -4.50
CA HIS A 59 27.51 -17.28 -4.52
C HIS A 59 27.24 -16.17 -3.52
N ASN A 60 28.10 -16.01 -2.51
CA ASN A 60 27.75 -15.22 -1.33
C ASN A 60 27.23 -13.83 -1.70
N GLU A 61 28.04 -13.06 -2.45
CA GLU A 61 27.63 -11.70 -2.80
C GLU A 61 26.27 -11.70 -3.49
N ALA A 62 26.03 -12.70 -4.36
CA ALA A 62 24.75 -12.77 -5.07
C ALA A 62 23.60 -13.06 -4.12
N LEU A 63 23.74 -14.10 -3.29
CA LEU A 63 22.72 -14.41 -2.29
C LEU A 63 22.42 -13.22 -1.41
N LEU A 64 23.46 -12.55 -0.93
CA LEU A 64 23.27 -11.33 -0.16
C LEU A 64 22.50 -10.29 -0.96
N GLU A 65 22.90 -10.08 -2.23
CA GLU A 65 22.22 -9.08 -3.05
C GLU A 65 20.79 -9.48 -3.35
N GLU A 66 20.54 -10.77 -3.59
CA GLU A 66 19.17 -11.22 -3.81
C GLU A 66 18.31 -10.94 -2.59
N ALA A 67 18.83 -11.27 -1.40
CA ALA A 67 18.11 -10.97 -0.15
C ALA A 67 17.89 -9.47 0.00
N LYS A 68 18.91 -8.67 -0.31
CA LYS A 68 18.76 -7.21 -0.23
C LYS A 68 17.77 -6.70 -1.25
N MET A 69 17.76 -7.31 -2.44
CA MET A 69 16.80 -6.92 -3.48
C MET A 69 15.37 -7.22 -3.05
N MET A 70 15.13 -8.44 -2.60
CA MET A 70 13.80 -8.80 -2.12
C MET A 70 13.37 -7.90 -0.96
N ASN A 71 14.31 -7.54 -0.08
CA ASN A 71 13.94 -6.68 1.04
C ASN A 71 13.63 -5.25 0.61
N ARG A 72 13.82 -4.90 -0.67
CA ARG A 72 13.29 -3.64 -1.17
C ARG A 72 11.79 -3.71 -1.43
N LEU A 73 11.20 -4.91 -1.45
CA LEU A 73 9.75 -5.02 -1.36
C LEU A 73 9.29 -4.65 0.06
N ARG A 74 8.96 -3.38 0.28
CA ARG A 74 8.67 -2.83 1.60
C ARG A 74 7.23 -2.40 1.60
N HIS A 75 6.40 -3.17 2.28
CA HIS A 75 4.98 -2.90 2.38
C HIS A 75 4.46 -3.57 3.64
N SER A 76 3.46 -2.94 4.23
CA SER A 76 2.92 -3.41 5.50
C SER A 76 2.34 -4.82 5.37
N ARG A 77 1.89 -5.23 4.17
CA ARG A 77 1.27 -6.53 3.98
C ARG A 77 2.20 -7.52 3.28
N VAL A 78 3.50 -7.29 3.31
CA VAL A 78 4.46 -8.13 2.60
C VAL A 78 5.56 -8.51 3.59
N VAL A 79 5.80 -9.80 3.75
CA VAL A 79 6.85 -10.31 4.62
C VAL A 79 8.20 -9.71 4.25
N LYS A 80 9.01 -9.39 5.27
CA LYS A 80 10.40 -8.99 5.08
C LYS A 80 11.33 -10.04 5.69
N LEU A 81 12.49 -10.20 5.08
CA LEU A 81 13.58 -10.92 5.73
C LEU A 81 14.12 -10.10 6.91
N LEU A 82 14.33 -10.77 8.03
CA LEU A 82 15.04 -10.13 9.15
C LEU A 82 16.54 -10.26 8.97
N GLY A 83 16.98 -11.43 8.53
CA GLY A 83 18.40 -11.64 8.35
C GLY A 83 18.64 -12.82 7.43
N VAL A 84 19.91 -12.95 7.04
CA VAL A 84 20.40 -14.15 6.36
C VAL A 84 21.61 -14.64 7.13
N ILE A 85 21.80 -15.95 7.10
CA ILE A 85 23.00 -16.57 7.64
C ILE A 85 23.81 -17.08 6.46
N ILE A 86 25.01 -16.52 6.27
CA ILE A 86 25.88 -16.86 5.14
C ILE A 86 27.22 -17.24 5.75
N GLU A 87 27.48 -18.54 5.83
CA GLU A 87 28.65 -19.07 6.52
C GLU A 87 29.25 -20.16 5.64
N GLU A 88 30.37 -20.72 6.08
CA GLU A 88 31.00 -21.81 5.35
C GLU A 88 30.04 -23.00 5.33
N GLY A 89 29.43 -23.26 4.17
CA GLY A 89 28.60 -24.43 4.00
C GLY A 89 27.21 -24.36 4.61
N LYS A 90 26.81 -23.25 5.22
CA LYS A 90 25.49 -23.14 5.85
C LYS A 90 24.88 -21.82 5.43
N TYR A 91 23.63 -21.86 4.98
CA TYR A 91 22.92 -20.70 4.47
C TYR A 91 21.48 -20.78 4.96
N SER A 92 21.00 -19.71 5.60
CA SER A 92 19.64 -19.69 6.13
C SER A 92 18.97 -18.36 5.86
N LEU A 93 17.64 -18.38 5.81
CA LEU A 93 16.79 -17.21 5.85
C LEU A 93 16.10 -17.11 7.21
N VAL A 94 15.85 -15.87 7.63
CA VAL A 94 15.28 -15.61 8.95
C VAL A 94 14.23 -14.52 8.82
N MET A 95 13.05 -14.77 9.38
CA MET A 95 11.92 -13.85 9.26
C MET A 95 11.16 -13.81 10.57
N GLU A 96 10.22 -12.88 10.64
CA GLU A 96 9.47 -12.68 11.86
C GLU A 96 8.55 -13.86 12.14
N TYR A 97 8.31 -14.12 13.42
CA TYR A 97 7.44 -15.21 13.88
C TYR A 97 6.02 -14.67 13.93
N MET A 98 5.21 -15.05 12.94
CA MET A 98 3.80 -14.67 12.92
C MET A 98 3.07 -15.65 13.84
N GLU A 99 2.65 -15.17 15.00
CA GLU A 99 2.25 -16.04 16.10
C GLU A 99 1.10 -16.97 15.74
N LYS A 100 0.15 -16.51 14.91
CA LYS A 100 -1.03 -17.31 14.61
C LYS A 100 -0.85 -18.22 13.41
N GLY A 101 0.34 -18.29 12.82
CA GLY A 101 0.59 -19.19 11.70
C GLY A 101 0.04 -18.65 10.39
N ASN A 102 -0.35 -19.57 9.50
CA ASN A 102 -0.87 -19.14 8.21
C ASN A 102 -2.39 -18.99 8.27
N LEU A 103 -2.95 -18.48 7.17
CA LEU A 103 -4.37 -18.20 7.10
C LEU A 103 -5.22 -19.46 7.27
N MET A 104 -4.80 -20.58 6.69
CA MET A 104 -5.60 -21.79 6.85
C MET A 104 -5.66 -22.24 8.32
N HIS A 105 -4.53 -22.13 9.02
CA HIS A 105 -4.49 -22.43 10.46
C HIS A 105 -5.50 -21.56 11.22
N VAL A 106 -5.52 -20.27 10.92
CA VAL A 106 -6.47 -19.35 11.54
C VAL A 106 -7.90 -19.73 11.20
N LEU A 107 -8.17 -20.01 9.91
CA LEU A 107 -9.55 -20.28 9.50
C LEU A 107 -10.12 -21.52 10.17
N LYS A 108 -9.26 -22.47 10.53
CA LYS A 108 -9.70 -23.75 11.06
C LYS A 108 -9.69 -23.81 12.58
N ALA A 109 -9.38 -22.70 13.26
CA ALA A 109 -9.31 -22.70 14.72
C ALA A 109 -10.72 -22.79 15.33
N GLU A 110 -10.76 -23.04 16.64
CA GLU A 110 -12.03 -23.21 17.34
C GLU A 110 -12.82 -21.91 17.36
N MET A 111 -12.17 -20.82 17.75
CA MET A 111 -12.81 -19.51 17.75
C MET A 111 -13.01 -19.06 16.31
N SER A 112 -14.27 -18.91 15.91
CA SER A 112 -14.55 -18.41 14.57
C SER A 112 -14.00 -16.99 14.40
N THR A 113 -13.81 -16.61 13.14
CA THR A 113 -13.32 -15.29 12.81
C THR A 113 -14.49 -14.45 12.33
N PRO A 114 -14.74 -13.27 12.92
CA PRO A 114 -15.91 -12.49 12.54
C PRO A 114 -15.81 -12.01 11.10
N LEU A 115 -16.98 -11.77 10.50
CA LEU A 115 -17.04 -11.31 9.12
C LEU A 115 -16.25 -10.00 8.93
N SER A 116 -16.28 -9.12 9.93
CA SER A 116 -15.55 -7.86 9.79
C SER A 116 -14.05 -8.08 9.66
N VAL A 117 -13.52 -9.06 10.39
CA VAL A 117 -12.10 -9.41 10.27
C VAL A 117 -11.84 -10.11 8.94
N LYS A 118 -12.72 -11.03 8.52
CA LYS A 118 -12.53 -11.67 7.22
C LYS A 118 -12.51 -10.62 6.11
N GLY A 119 -13.40 -9.62 6.18
CA GLY A 119 -13.37 -8.56 5.18
C GLY A 119 -12.05 -7.81 5.18
N ARG A 120 -11.50 -7.55 6.36
CA ARG A 120 -10.25 -6.79 6.46
C ARG A 120 -9.06 -7.60 5.98
N ILE A 121 -9.07 -8.90 6.29
CA ILE A 121 -8.04 -9.82 5.78
C ILE A 121 -8.02 -9.80 4.25
N ILE A 122 -9.21 -9.89 3.64
CA ILE A 122 -9.33 -9.84 2.19
C ILE A 122 -8.75 -8.53 1.65
N LEU A 123 -9.19 -7.41 2.24
CA LEU A 123 -8.66 -6.10 1.85
C LEU A 123 -7.15 -6.07 1.94
N GLU A 124 -6.59 -6.62 3.02
CA GLU A 124 -5.13 -6.59 3.20
C GLU A 124 -4.43 -7.47 2.17
N ILE A 125 -5.04 -8.59 1.79
CA ILE A 125 -4.46 -9.42 0.73
C ILE A 125 -4.43 -8.64 -0.59
N ILE A 126 -5.53 -7.97 -0.91
CA ILE A 126 -5.58 -7.11 -2.10
C ILE A 126 -4.48 -6.04 -2.06
N GLU A 127 -4.31 -5.37 -0.91
CA GLU A 127 -3.27 -4.34 -0.81
C GLU A 127 -1.90 -4.94 -1.07
N GLY A 128 -1.61 -6.07 -0.45
CA GLY A 128 -0.28 -6.65 -0.61
C GLY A 128 -0.02 -7.12 -2.04
N MET A 129 -1.03 -7.69 -2.68
CA MET A 129 -0.86 -8.15 -4.05
C MET A 129 -0.76 -6.97 -5.02
N ALA A 130 -1.58 -5.93 -4.82
CA ALA A 130 -1.45 -4.74 -5.65
C ALA A 130 -0.07 -4.15 -5.53
N TYR A 131 0.49 -4.14 -4.32
CA TYR A 131 1.85 -3.65 -4.15
C TYR A 131 2.84 -4.51 -4.93
N LEU A 132 2.72 -5.84 -4.80
CA LEU A 132 3.67 -6.73 -5.45
C LEU A 132 3.58 -6.60 -6.96
N HIS A 133 2.36 -6.59 -7.51
CA HIS A 133 2.20 -6.43 -8.96
C HIS A 133 2.67 -5.06 -9.44
N GLY A 134 2.45 -4.01 -8.65
CA GLY A 134 3.01 -2.70 -9.00
C GLY A 134 4.53 -2.67 -9.02
N LYS A 135 5.18 -3.57 -8.30
CA LYS A 135 6.63 -3.70 -8.38
C LYS A 135 7.07 -4.73 -9.41
N GLY A 136 6.16 -5.21 -10.25
CA GLY A 136 6.55 -6.17 -11.27
C GLY A 136 6.79 -7.57 -10.77
N VAL A 137 6.31 -7.90 -9.57
CA VAL A 137 6.49 -9.22 -8.98
C VAL A 137 5.23 -10.04 -9.22
N ILE A 138 5.38 -11.18 -9.87
CA ILE A 138 4.31 -12.17 -9.98
C ILE A 138 4.55 -13.20 -8.88
N HIS A 139 3.51 -13.49 -8.07
CA HIS A 139 3.74 -14.34 -6.93
C HIS A 139 3.95 -15.79 -7.36
N LYS A 140 3.01 -16.32 -8.13
CA LYS A 140 3.00 -17.61 -8.78
C LYS A 140 2.56 -18.73 -7.82
N ASP A 141 2.45 -18.48 -6.53
CA ASP A 141 2.06 -19.53 -5.60
C ASP A 141 1.24 -18.94 -4.47
N LEU A 142 0.33 -18.02 -4.80
CA LEU A 142 -0.51 -17.42 -3.79
C LEU A 142 -1.51 -18.47 -3.30
N LYS A 143 -1.60 -18.63 -1.98
CA LYS A 143 -2.47 -19.61 -1.36
C LYS A 143 -2.48 -19.33 0.14
N PRO A 144 -3.46 -19.89 0.87
CA PRO A 144 -3.56 -19.57 2.31
C PRO A 144 -2.29 -19.87 3.09
N GLU A 145 -1.51 -20.88 2.69
CA GLU A 145 -0.29 -21.21 3.42
C GLU A 145 0.79 -20.16 3.24
N ASN A 146 0.66 -19.30 2.24
CA ASN A 146 1.57 -18.19 2.02
C ASN A 146 1.03 -16.89 2.56
N ILE A 147 -0.03 -16.92 3.36
CA ILE A 147 -0.60 -15.72 3.95
C ILE A 147 -0.48 -15.87 5.45
N LEU A 148 0.40 -15.07 6.06
CA LEU A 148 0.73 -15.22 7.46
C LEU A 148 -0.02 -14.18 8.28
N VAL A 149 -0.32 -14.52 9.52
CA VAL A 149 -1.27 -13.78 10.36
C VAL A 149 -0.59 -13.45 11.69
N ASP A 150 -0.62 -12.18 12.06
CA ASP A 150 -0.04 -11.78 13.33
C ASP A 150 -1.13 -11.85 14.41
N ASN A 151 -0.78 -11.42 15.62
CA ASN A 151 -1.68 -11.58 16.76
C ASN A 151 -2.89 -10.67 16.66
N ASP A 152 -2.78 -9.54 15.95
CA ASP A 152 -3.90 -8.64 15.75
C ASP A 152 -4.70 -8.98 14.51
N PHE A 153 -4.48 -10.17 13.93
CA PHE A 153 -5.14 -10.64 12.72
C PHE A 153 -4.84 -9.79 11.48
N HIS A 154 -3.74 -9.04 11.48
CA HIS A 154 -3.26 -8.47 10.23
C HIS A 154 -2.39 -9.50 9.51
N ILE A 155 -2.36 -9.42 8.18
CA ILE A 155 -1.72 -10.46 7.39
C ILE A 155 -0.50 -9.91 6.64
N LYS A 156 0.39 -10.83 6.28
CA LYS A 156 1.48 -10.52 5.37
C LYS A 156 1.62 -11.64 4.38
N ILE A 157 1.87 -11.27 3.13
CA ILE A 157 2.03 -12.23 2.06
C ILE A 157 3.49 -12.69 2.08
N ALA A 158 3.71 -14.01 2.01
CA ALA A 158 5.04 -14.56 2.06
C ALA A 158 5.34 -15.32 0.78
N ASP A 159 6.61 -15.61 0.58
CA ASP A 159 7.05 -16.44 -0.53
C ASP A 159 7.76 -17.68 0.03
N LEU A 160 7.04 -18.49 0.82
CA LEU A 160 7.68 -19.55 1.61
C LEU A 160 8.26 -20.66 0.71
N GLY A 161 7.68 -20.84 -0.49
CA GLY A 161 8.21 -21.75 -1.49
C GLY A 161 9.43 -21.27 -2.23
N LEU A 162 9.79 -19.99 -2.07
CA LEU A 162 10.95 -19.37 -2.71
C LEU A 162 10.77 -19.19 -4.22
N ALA A 163 9.53 -19.14 -4.71
CA ALA A 163 9.30 -18.99 -6.15
C ALA A 163 9.81 -17.66 -6.68
N SER A 164 10.01 -16.65 -5.83
CA SER A 164 10.58 -15.39 -6.27
C SER A 164 12.04 -15.23 -5.86
N PHE A 165 12.63 -16.24 -5.24
CA PHE A 165 14.04 -16.18 -4.80
C PHE A 165 14.86 -17.02 -5.78
N LYS A 166 15.34 -16.39 -6.85
CA LYS A 166 16.05 -17.13 -7.90
C LYS A 166 17.31 -17.80 -7.35
N MET A 167 18.25 -17.00 -6.83
CA MET A 167 19.54 -17.53 -6.41
C MET A 167 19.41 -18.46 -5.21
N TRP A 168 18.53 -18.12 -4.25
CA TRP A 168 18.35 -18.96 -3.07
C TRP A 168 17.57 -20.23 -3.39
N SER A 169 16.69 -20.19 -4.39
CA SER A 169 16.05 -21.44 -4.84
C SER A 169 16.99 -22.28 -5.68
N LYS A 170 17.89 -21.66 -6.44
CA LYS A 170 18.94 -22.42 -7.12
C LYS A 170 19.90 -23.03 -6.11
N LEU A 171 20.42 -22.20 -5.19
CA LEU A 171 21.29 -22.68 -4.12
C LEU A 171 20.59 -23.73 -3.25
N ASN A 172 19.26 -23.69 -3.19
CA ASN A 172 18.46 -24.64 -2.42
C ASN A 172 18.82 -26.09 -2.77
N LEU A 193 -2.22 -27.25 -6.33
CA LEU A 193 -3.10 -27.37 -7.51
C LEU A 193 -4.45 -26.71 -7.27
N TYR A 194 -4.89 -26.68 -6.01
CA TYR A 194 -6.19 -26.09 -5.67
C TYR A 194 -6.28 -24.62 -6.05
N TYR A 195 -5.16 -23.90 -6.10
CA TYR A 195 -5.13 -22.47 -6.28
C TYR A 195 -4.53 -22.04 -7.61
N MET A 196 -4.16 -23.02 -8.45
CA MET A 196 -3.47 -22.75 -9.70
C MET A 196 -4.50 -22.50 -10.81
N ALA A 197 -4.27 -21.43 -11.58
CA ALA A 197 -5.15 -21.11 -12.70
C ALA A 197 -5.20 -22.30 -13.66
N PRO A 198 -6.37 -22.57 -14.28
CA PRO A 198 -6.49 -23.75 -15.15
C PRO A 198 -5.53 -23.75 -16.33
N GLU A 199 -5.13 -22.56 -16.81
CA GLU A 199 -4.19 -22.48 -17.94
C GLU A 199 -2.78 -22.94 -17.58
N HIS A 200 -2.51 -23.20 -16.30
CA HIS A 200 -1.23 -23.77 -15.87
C HIS A 200 -1.35 -25.25 -15.51
N LEU A 201 -2.56 -25.77 -15.39
CA LEU A 201 -2.75 -27.16 -14.99
C LEU A 201 -2.36 -28.07 -16.14
N ASN A 202 -1.56 -29.10 -15.85
CA ASN A 202 -1.04 -30.01 -16.87
C ASN A 202 -0.26 -29.24 -17.94
N ASP A 203 0.57 -28.30 -17.47
CA ASP A 203 1.38 -27.47 -18.34
C ASP A 203 2.65 -27.13 -17.56
N VAL A 204 3.71 -27.92 -17.78
CA VAL A 204 4.98 -27.72 -17.08
C VAL A 204 5.86 -26.67 -17.76
N ASN A 205 5.37 -26.05 -18.84
CA ASN A 205 5.98 -24.85 -19.41
C ASN A 205 5.19 -23.61 -19.04
N ALA A 206 4.42 -23.69 -17.95
CA ALA A 206 3.50 -22.63 -17.56
C ALA A 206 4.25 -21.35 -17.25
N LYS A 207 3.80 -20.25 -17.85
CA LYS A 207 4.37 -18.92 -17.61
C LYS A 207 3.35 -18.08 -16.83
N PRO A 208 3.41 -18.06 -15.51
CA PRO A 208 2.41 -17.30 -14.74
C PRO A 208 2.41 -15.81 -15.06
N THR A 209 1.23 -15.20 -14.95
CA THR A 209 1.02 -13.77 -15.13
C THR A 209 0.32 -13.20 -13.91
N GLU A 210 0.13 -11.88 -13.91
CA GLU A 210 -0.69 -11.24 -12.88
C GLU A 210 -2.06 -11.88 -12.77
N LYS A 211 -2.64 -12.26 -13.92
CA LYS A 211 -3.97 -12.87 -13.93
C LYS A 211 -3.97 -14.26 -13.34
N SER A 212 -2.83 -14.95 -13.40
CA SER A 212 -2.67 -16.20 -12.65
C SER A 212 -2.85 -15.96 -11.15
N ASP A 213 -2.23 -14.90 -10.63
CA ASP A 213 -2.36 -14.58 -9.20
C ASP A 213 -3.80 -14.21 -8.82
N VAL A 214 -4.51 -13.53 -9.72
CA VAL A 214 -5.90 -13.13 -9.45
C VAL A 214 -6.77 -14.37 -9.31
N TYR A 215 -6.52 -15.39 -10.13
CA TYR A 215 -7.22 -16.67 -10.00
C TYR A 215 -6.96 -17.31 -8.64
N SER A 216 -5.70 -17.37 -8.22
CA SER A 216 -5.38 -17.90 -6.91
C SER A 216 -6.15 -17.16 -5.81
N PHE A 217 -6.17 -15.83 -5.89
CA PHE A 217 -6.94 -14.99 -4.98
C PHE A 217 -8.41 -15.42 -4.90
N ALA A 218 -9.01 -15.76 -6.05
CA ALA A 218 -10.42 -16.15 -6.05
C ALA A 218 -10.66 -17.38 -5.19
N VAL A 219 -9.77 -18.37 -5.26
CA VAL A 219 -9.94 -19.58 -4.45
C VAL A 219 -9.64 -19.28 -2.98
N VAL A 220 -8.65 -18.43 -2.72
CA VAL A 220 -8.41 -17.99 -1.33
C VAL A 220 -9.66 -17.35 -0.75
N LEU A 221 -10.37 -16.57 -1.58
CA LEU A 221 -11.61 -15.94 -1.14
C LEU A 221 -12.64 -16.97 -0.73
N TRP A 222 -12.82 -18.00 -1.57
CA TRP A 222 -13.72 -19.09 -1.22
C TRP A 222 -13.30 -19.74 0.09
N ALA A 223 -12.01 -20.06 0.23
CA ALA A 223 -11.51 -20.74 1.41
C ALA A 223 -11.75 -19.91 2.67
N ILE A 224 -11.60 -18.59 2.56
CA ILE A 224 -11.81 -17.72 3.71
C ILE A 224 -13.22 -17.85 4.24
N PHE A 225 -14.19 -18.02 3.34
CA PHE A 225 -15.58 -18.17 3.78
C PHE A 225 -16.02 -19.61 3.98
N ALA A 226 -15.38 -20.58 3.32
CA ALA A 226 -15.68 -21.99 3.57
C ALA A 226 -14.95 -22.51 4.80
N ASN A 227 -13.92 -21.81 5.28
CA ASN A 227 -13.08 -22.24 6.40
C ASN A 227 -12.40 -23.59 6.12
N LYS A 228 -12.05 -23.87 4.87
CA LYS A 228 -11.45 -25.15 4.52
C LYS A 228 -10.94 -25.10 3.09
N GLU A 229 -10.22 -26.15 2.70
CA GLU A 229 -9.72 -26.23 1.35
C GLU A 229 -10.84 -26.65 0.39
N PRO A 230 -10.78 -26.21 -0.87
CA PRO A 230 -11.80 -26.61 -1.85
C PRO A 230 -11.61 -28.06 -2.29
N TYR A 231 -12.63 -28.59 -2.97
CA TYR A 231 -12.55 -29.83 -3.77
C TYR A 231 -12.46 -31.10 -2.91
N GLU A 232 -13.04 -31.09 -1.72
CA GLU A 232 -12.94 -32.25 -0.82
C GLU A 232 -13.46 -33.55 -1.45
N ASN A 233 -14.31 -33.50 -2.48
CA ASN A 233 -14.80 -34.73 -3.10
C ASN A 233 -13.97 -35.20 -4.28
N ALA A 234 -12.96 -34.43 -4.71
CA ALA A 234 -12.07 -34.93 -5.76
C ALA A 234 -11.42 -36.24 -5.29
N ILE A 235 -11.28 -37.19 -6.21
CA ILE A 235 -10.73 -38.49 -5.89
C ILE A 235 -9.32 -38.66 -6.44
N ALA A 236 -9.11 -38.26 -7.68
CA ALA A 236 -7.82 -38.40 -8.33
C ALA A 236 -7.34 -37.03 -8.79
N GLU A 237 -6.02 -36.86 -8.79
CA GLU A 237 -5.43 -35.61 -9.27
C GLU A 237 -5.79 -35.35 -10.73
N GLN A 238 -5.69 -36.37 -11.59
CA GLN A 238 -6.05 -36.15 -12.98
C GLN A 238 -7.54 -35.87 -13.14
N GLN A 239 -8.38 -36.46 -12.28
CA GLN A 239 -9.78 -36.10 -12.26
C GLN A 239 -9.94 -34.62 -11.93
N LEU A 240 -9.30 -34.18 -10.86
CA LEU A 240 -9.44 -32.79 -10.43
C LEU A 240 -8.88 -31.84 -11.48
N ILE A 241 -7.67 -32.14 -12.00
CA ILE A 241 -7.05 -31.28 -13.00
C ILE A 241 -7.95 -31.15 -14.22
N MET A 242 -8.42 -32.28 -14.77
CA MET A 242 -9.23 -32.19 -15.98
C MET A 242 -10.57 -31.53 -15.70
N ALA A 243 -11.11 -31.74 -14.50
CA ALA A 243 -12.38 -31.10 -14.12
C ALA A 243 -12.23 -29.59 -14.08
N ILE A 244 -11.16 -29.09 -13.44
CA ILE A 244 -10.98 -27.64 -13.33
C ILE A 244 -10.71 -27.04 -14.71
N LYS A 245 -9.94 -27.75 -15.54
CA LYS A 245 -9.68 -27.27 -16.89
C LYS A 245 -10.97 -27.20 -17.71
N SER A 246 -11.95 -28.06 -17.43
CA SER A 246 -13.22 -28.03 -18.14
C SER A 246 -14.22 -27.06 -17.53
N GLY A 247 -13.87 -26.40 -16.43
CA GLY A 247 -14.72 -25.35 -15.88
C GLY A 247 -15.21 -25.56 -14.47
N ASN A 248 -14.91 -26.69 -13.82
CA ASN A 248 -15.28 -26.87 -12.42
C ASN A 248 -14.56 -25.87 -11.53
N ARG A 249 -15.23 -25.45 -10.48
CA ARG A 249 -14.70 -24.44 -9.57
C ARG A 249 -15.06 -24.82 -8.14
N PRO A 250 -14.46 -24.21 -7.12
CA PRO A 250 -14.88 -24.51 -5.74
C PRO A 250 -16.39 -24.37 -5.61
N ASP A 251 -16.98 -25.25 -4.80
CA ASP A 251 -18.42 -25.39 -4.68
C ASP A 251 -18.96 -24.21 -3.88
N VAL A 252 -19.52 -23.24 -4.59
CA VAL A 252 -20.06 -22.03 -3.95
C VAL A 252 -21.19 -22.39 -2.99
N ASP A 253 -22.05 -23.33 -3.38
CA ASP A 253 -23.13 -23.76 -2.51
C ASP A 253 -22.64 -24.40 -1.23
N ASP A 254 -21.36 -24.75 -1.15
CA ASP A 254 -20.82 -25.44 0.02
C ASP A 254 -20.28 -24.47 1.06
N ILE A 255 -20.60 -23.19 0.93
CA ILE A 255 -20.31 -22.22 1.97
C ILE A 255 -21.47 -22.27 2.97
N THR A 256 -21.14 -22.52 4.23
CA THR A 256 -22.13 -22.66 5.30
C THR A 256 -22.47 -21.31 5.92
N GLU A 257 -21.47 -20.60 6.42
CA GLU A 257 -21.75 -19.33 7.06
C GLU A 257 -22.09 -18.28 6.00
N TYR A 258 -22.67 -17.19 6.46
CA TYR A 258 -23.07 -16.11 5.57
C TYR A 258 -21.88 -15.60 4.77
N CYS A 259 -22.01 -15.59 3.44
CA CYS A 259 -21.04 -14.94 2.56
C CYS A 259 -21.80 -13.92 1.70
N PRO A 260 -21.48 -12.63 1.80
CA PRO A 260 -22.20 -11.62 1.01
C PRO A 260 -22.21 -11.95 -0.48
N ARG A 261 -23.35 -11.65 -1.12
CA ARG A 261 -23.49 -11.85 -2.56
C ARG A 261 -22.39 -11.13 -3.35
N GLU A 262 -21.94 -9.96 -2.89
CA GLU A 262 -20.87 -9.27 -3.59
C GLU A 262 -19.62 -10.12 -3.67
N ILE A 263 -19.28 -10.83 -2.59
CA ILE A 263 -18.02 -11.55 -2.53
C ILE A 263 -18.10 -12.82 -3.39
N ILE A 264 -19.25 -13.49 -3.37
CA ILE A 264 -19.50 -14.57 -4.31
C ILE A 264 -19.33 -14.08 -5.75
N SER A 265 -19.88 -12.90 -6.06
CA SER A 265 -19.69 -12.35 -7.40
C SER A 265 -18.23 -12.06 -7.66
N LEU A 266 -17.52 -11.54 -6.66
CA LEU A 266 -16.09 -11.26 -6.80
C LEU A 266 -15.29 -12.51 -7.15
N MET A 267 -15.53 -13.61 -6.43
CA MET A 267 -14.70 -14.80 -6.69
C MET A 267 -14.98 -15.37 -8.08
N LYS A 268 -16.24 -15.38 -8.51
CA LYS A 268 -16.55 -15.89 -9.85
C LYS A 268 -15.89 -15.04 -10.94
N LEU A 269 -15.87 -13.71 -10.76
CA LEU A 269 -15.14 -12.83 -11.67
C LEU A 269 -13.66 -13.16 -11.71
N CYS A 270 -13.05 -13.38 -10.54
CA CYS A 270 -11.62 -13.59 -10.49
C CYS A 270 -11.20 -15.01 -10.90
N TRP A 271 -12.08 -16.01 -10.83
CA TRP A 271 -11.70 -17.33 -11.34
C TRP A 271 -12.30 -17.65 -12.71
N GLU A 272 -12.60 -16.62 -13.51
CA GLU A 272 -13.02 -16.83 -14.90
C GLU A 272 -11.98 -17.61 -15.68
N ALA A 273 -12.47 -18.44 -16.62
CA ALA A 273 -11.57 -19.23 -17.46
C ALA A 273 -10.64 -18.34 -18.27
N ASN A 274 -11.18 -17.32 -18.94
CA ASN A 274 -10.35 -16.39 -19.73
C ASN A 274 -9.52 -15.50 -18.82
N PRO A 275 -8.19 -15.65 -18.76
CA PRO A 275 -7.37 -14.74 -17.93
C PRO A 275 -7.61 -13.27 -18.24
N GLU A 276 -7.86 -12.93 -19.52
CA GLU A 276 -8.14 -11.54 -19.90
C GLU A 276 -9.43 -11.01 -19.29
N ALA A 277 -10.38 -11.89 -18.97
CA ALA A 277 -11.61 -11.46 -18.31
C ALA A 277 -11.42 -11.14 -16.82
N ARG A 278 -10.38 -11.68 -16.18
CA ARG A 278 -10.20 -11.42 -14.76
C ARG A 278 -9.78 -9.97 -14.54
N PRO A 279 -10.18 -9.37 -13.42
CA PRO A 279 -9.76 -8.00 -13.13
C PRO A 279 -8.34 -7.97 -12.60
N THR A 280 -7.79 -6.74 -12.48
CA THR A 280 -6.51 -6.51 -11.85
C THR A 280 -6.70 -6.33 -10.35
N PHE A 281 -5.61 -6.39 -9.59
CA PHE A 281 -5.72 -6.15 -8.16
C PHE A 281 -6.08 -4.70 -7.84
N PRO A 282 -5.53 -3.68 -8.54
CA PRO A 282 -6.11 -2.35 -8.36
C PRO A 282 -7.58 -2.30 -8.74
N GLY A 283 -7.99 -3.03 -9.78
CA GLY A 283 -9.41 -3.10 -10.11
C GLY A 283 -10.25 -3.77 -9.04
N ILE A 284 -9.75 -4.89 -8.48
CA ILE A 284 -10.45 -5.53 -7.36
C ILE A 284 -10.57 -4.55 -6.19
N GLU A 285 -9.46 -3.88 -5.85
CA GLU A 285 -9.48 -2.98 -4.71
C GLU A 285 -10.54 -1.90 -4.90
N GLU A 286 -10.64 -1.33 -6.11
CA GLU A 286 -11.57 -0.23 -6.32
C GLU A 286 -13.02 -0.66 -6.09
N LYS A 287 -13.35 -1.92 -6.35
CA LYS A 287 -14.67 -2.45 -6.00
C LYS A 287 -14.76 -2.77 -4.51
N PHE A 288 -13.78 -3.51 -3.98
CA PHE A 288 -13.93 -4.14 -2.68
C PHE A 288 -13.83 -3.14 -1.53
N ARG A 289 -12.86 -2.20 -1.59
CA ARG A 289 -12.69 -1.28 -0.47
C ARG A 289 -13.98 -0.51 -0.16
N PRO A 290 -14.65 0.12 -1.12
CA PRO A 290 -15.93 0.76 -0.79
C PRO A 290 -16.97 -0.20 -0.22
N PHE A 291 -17.04 -1.42 -0.75
CA PHE A 291 -17.92 -2.43 -0.19
C PHE A 291 -17.55 -2.75 1.26
N TYR A 292 -16.27 -2.99 1.51
CA TYR A 292 -15.80 -3.33 2.85
C TYR A 292 -16.18 -2.24 3.87
N LEU A 293 -15.96 -0.97 3.52
CA LEU A 293 -16.20 0.12 4.47
C LEU A 293 -17.68 0.31 4.77
N SER A 294 -18.56 0.05 3.80
CA SER A 294 -19.98 0.31 3.99
C SER A 294 -20.73 -0.86 4.60
N GLN A 295 -20.21 -2.07 4.54
CA GLN A 295 -20.97 -3.27 4.89
C GLN A 295 -20.32 -4.12 5.97
N LEU A 296 -19.02 -4.36 5.87
CA LEU A 296 -18.34 -5.35 6.69
C LEU A 296 -17.60 -4.75 7.86
N GLU A 297 -17.05 -3.55 7.70
CA GLU A 297 -16.22 -2.92 8.72
C GLU A 297 -16.94 -2.76 10.06
N ILE B 13 -8.28 7.48 -21.08
CA ILE B 13 -8.54 8.54 -20.11
C ILE B 13 -9.11 9.81 -20.79
N LYS B 14 -9.56 9.69 -22.04
CA LYS B 14 -10.13 10.83 -22.75
C LYS B 14 -11.65 10.85 -22.55
N MET B 15 -12.17 12.00 -22.14
CA MET B 15 -13.59 12.18 -21.89
C MET B 15 -14.12 13.29 -22.80
N LYS B 16 -15.43 13.28 -23.02
CA LYS B 16 -16.10 14.31 -23.82
C LYS B 16 -17.06 15.08 -22.95
N SER B 17 -17.26 16.37 -23.29
CA SER B 17 -18.27 17.16 -22.59
C SER B 17 -19.63 16.49 -22.62
N SER B 18 -19.95 15.78 -23.71
CA SER B 18 -21.21 15.07 -23.85
C SER B 18 -21.26 13.82 -22.98
N ASP B 19 -20.11 13.32 -22.51
CA ASP B 19 -20.13 12.25 -21.51
C ASP B 19 -20.76 12.72 -20.21
N PHE B 20 -20.96 14.01 -20.05
CA PHE B 20 -21.49 14.55 -18.81
C PHE B 20 -22.92 14.97 -19.02
N LEU B 21 -23.79 14.48 -18.13
CA LEU B 21 -25.21 14.79 -18.20
C LEU B 21 -25.46 16.25 -17.76
N GLU B 22 -24.76 16.72 -16.69
CA GLU B 22 -25.06 17.88 -15.83
C GLU B 22 -23.88 18.43 -15.00
N SER B 23 -24.04 19.67 -14.51
CA SER B 23 -23.03 20.32 -13.64
C SER B 23 -23.64 20.88 -12.34
N PHE B 31 -8.57 27.29 -5.42
CA PHE B 31 -7.67 26.89 -6.50
C PHE B 31 -8.27 27.17 -7.86
N GLY B 32 -9.06 28.23 -7.96
CA GLY B 32 -9.69 28.58 -9.22
C GLY B 32 -11.12 28.09 -9.30
N LYS B 33 -11.61 28.03 -10.54
CA LYS B 33 -13.01 27.70 -10.82
C LYS B 33 -13.14 26.22 -11.13
N VAL B 34 -13.86 25.49 -10.27
CA VAL B 34 -14.14 24.07 -10.46
C VAL B 34 -15.65 23.88 -10.42
N SER B 35 -16.11 22.69 -10.81
CA SER B 35 -17.53 22.38 -10.67
C SER B 35 -17.73 20.88 -10.45
N LEU B 36 -18.90 20.57 -9.89
CA LEU B 36 -19.35 19.20 -9.79
C LEU B 36 -19.89 18.74 -11.14
N ALA B 37 -19.57 17.51 -11.51
CA ALA B 37 -19.92 16.96 -12.81
C ALA B 37 -20.58 15.60 -12.60
N PHE B 38 -21.74 15.41 -13.23
CA PHE B 38 -22.48 14.15 -13.18
C PHE B 38 -22.20 13.39 -14.47
N HIS B 39 -21.32 12.40 -14.38
CA HIS B 39 -20.99 11.59 -15.55
C HIS B 39 -22.10 10.60 -15.85
N ARG B 40 -22.25 10.28 -17.15
CA ARG B 40 -23.38 9.46 -17.59
C ARG B 40 -23.34 8.07 -16.98
N THR B 41 -22.16 7.46 -16.91
CA THR B 41 -22.05 6.10 -16.44
C THR B 41 -21.04 5.90 -15.32
N GLN B 42 -20.23 6.89 -14.99
CA GLN B 42 -19.14 6.69 -14.05
C GLN B 42 -19.30 7.53 -12.78
N GLY B 43 -20.46 8.11 -12.54
CA GLY B 43 -20.75 8.70 -11.25
C GLY B 43 -20.44 10.18 -11.15
N LEU B 44 -20.35 10.64 -9.92
CA LEU B 44 -20.11 12.05 -9.60
C LEU B 44 -18.62 12.34 -9.59
N MET B 45 -18.24 13.55 -10.04
CA MET B 45 -16.85 13.90 -10.25
C MET B 45 -16.66 15.39 -9.99
N ILE B 46 -15.40 15.82 -10.01
CA ILE B 46 -15.04 17.23 -9.93
C ILE B 46 -14.25 17.61 -11.19
N MET B 47 -14.57 18.76 -11.76
CA MET B 47 -13.99 19.19 -13.02
C MET B 47 -13.33 20.55 -12.85
N LYS B 48 -12.09 20.68 -13.32
CA LYS B 48 -11.41 21.98 -13.41
C LYS B 48 -11.09 22.26 -14.87
N THR B 49 -11.58 23.40 -15.39
CA THR B 49 -11.61 23.68 -16.82
C THR B 49 -10.90 25.00 -17.14
N VAL B 50 -10.16 25.00 -18.25
CA VAL B 50 -9.48 26.16 -18.82
C VAL B 50 -10.05 26.47 -20.21
N TYR B 51 -10.64 27.67 -20.34
CA TYR B 51 -11.20 28.16 -21.59
C TYR B 51 -10.21 29.14 -22.26
N LYS B 52 -9.78 28.84 -23.49
CA LYS B 52 -8.75 29.62 -24.19
C LYS B 52 -8.94 29.44 -25.70
N GLY B 53 -8.16 30.15 -26.52
CA GLY B 53 -8.06 29.77 -27.93
C GLY B 53 -7.28 28.50 -28.10
N PRO B 54 -7.60 27.70 -29.14
CA PRO B 54 -7.11 26.29 -29.15
C PRO B 54 -5.60 26.04 -29.19
N ASN B 55 -5.18 24.79 -28.84
CA ASN B 55 -3.80 24.32 -28.95
C ASN B 55 -3.58 23.58 -30.28
N CYS B 56 -2.31 23.34 -30.58
CA CYS B 56 -1.91 22.59 -31.77
C CYS B 56 -2.00 21.09 -31.56
N HIS B 59 0.74 19.74 -28.86
CA HIS B 59 0.45 20.29 -27.55
C HIS B 59 -0.56 19.43 -26.82
N ASN B 60 -1.72 19.22 -27.45
CA ASN B 60 -2.75 18.39 -26.86
C ASN B 60 -2.26 16.98 -26.60
N GLU B 61 -1.41 16.45 -27.49
CA GLU B 61 -0.83 15.14 -27.26
C GLU B 61 0.07 15.12 -26.02
N ALA B 62 0.72 16.24 -25.70
CA ALA B 62 1.58 16.30 -24.52
C ALA B 62 0.75 16.37 -23.24
N LEU B 63 -0.27 17.23 -23.23
CA LEU B 63 -1.20 17.28 -22.10
C LEU B 63 -1.81 15.93 -21.81
N LEU B 64 -2.05 15.12 -22.85
CA LEU B 64 -2.68 13.82 -22.69
C LEU B 64 -1.70 12.80 -22.11
N GLU B 65 -0.45 12.82 -22.57
CA GLU B 65 0.56 11.93 -21.99
C GLU B 65 0.81 12.24 -20.52
N GLU B 66 0.71 13.51 -20.14
CA GLU B 66 0.84 13.89 -18.74
C GLU B 66 -0.36 13.44 -17.92
N ALA B 67 -1.56 13.52 -18.52
CA ALA B 67 -2.76 13.08 -17.82
C ALA B 67 -2.77 11.57 -17.62
N LYS B 68 -2.31 10.81 -18.62
CA LYS B 68 -2.24 9.35 -18.47
C LYS B 68 -1.20 8.95 -17.44
N MET B 69 -0.20 9.80 -17.22
CA MET B 69 0.81 9.55 -16.21
C MET B 69 0.25 9.71 -14.80
N MET B 70 -0.44 10.83 -14.56
CA MET B 70 -1.10 11.04 -13.28
C MET B 70 -2.19 10.01 -13.03
N ASN B 71 -2.87 9.59 -14.09
CA ASN B 71 -3.88 8.54 -13.98
C ASN B 71 -3.27 7.18 -13.66
N ARG B 72 -1.97 7.00 -13.93
CA ARG B 72 -1.31 5.76 -13.53
C ARG B 72 -1.13 5.67 -12.02
N LEU B 73 -1.14 6.80 -11.31
CA LEU B 73 -1.00 6.81 -9.84
C LEU B 73 -2.30 6.32 -9.21
N ARG B 74 -2.35 5.04 -8.90
CA ARG B 74 -3.57 4.39 -8.42
C ARG B 74 -3.29 3.81 -7.04
N HIS B 75 -3.78 4.49 -5.99
CA HIS B 75 -3.58 4.06 -4.62
C HIS B 75 -4.77 4.57 -3.79
N SER B 76 -5.09 3.85 -2.72
CA SER B 76 -6.29 4.20 -1.96
C SER B 76 -6.16 5.59 -1.31
N ARG B 77 -4.93 6.05 -1.02
CA ARG B 77 -4.69 7.32 -0.35
C ARG B 77 -4.21 8.39 -1.30
N VAL B 78 -4.48 8.24 -2.59
CA VAL B 78 -4.03 9.18 -3.62
C VAL B 78 -5.24 9.48 -4.52
N VAL B 79 -5.49 10.77 -4.74
CA VAL B 79 -6.63 11.19 -5.54
C VAL B 79 -6.48 10.63 -6.95
N LYS B 80 -7.56 10.07 -7.48
CA LYS B 80 -7.57 9.55 -8.84
C LYS B 80 -7.96 10.65 -9.83
N LEU B 81 -7.07 10.92 -10.78
CA LEU B 81 -7.46 11.69 -11.95
C LEU B 81 -8.20 10.75 -12.88
N LEU B 82 -9.49 11.02 -13.12
CA LEU B 82 -10.34 10.05 -13.82
C LEU B 82 -10.37 10.28 -15.32
N GLY B 83 -10.11 11.50 -15.76
CA GLY B 83 -10.11 11.76 -17.19
C GLY B 83 -9.72 13.19 -17.45
N VAL B 84 -9.66 13.51 -18.74
CA VAL B 84 -9.49 14.89 -19.18
C VAL B 84 -10.44 15.13 -20.35
N ILE B 85 -10.91 16.37 -20.46
CA ILE B 85 -11.56 16.85 -21.68
C ILE B 85 -10.54 17.65 -22.46
N ILE B 86 -10.35 17.30 -23.71
CA ILE B 86 -9.47 18.04 -24.60
C ILE B 86 -10.28 18.35 -25.84
N GLU B 87 -10.85 19.55 -25.88
CA GLU B 87 -11.67 20.00 -27.00
C GLU B 87 -11.17 21.39 -27.40
N GLU B 88 -11.42 21.75 -28.66
CA GLU B 88 -10.97 23.03 -29.21
C GLU B 88 -11.38 24.16 -28.27
N GLY B 89 -10.41 24.69 -27.53
CA GLY B 89 -10.66 25.77 -26.61
C GLY B 89 -11.22 25.37 -25.26
N LYS B 90 -11.46 24.09 -25.01
CA LYS B 90 -11.93 23.60 -23.71
C LYS B 90 -10.99 22.51 -23.23
N TYR B 91 -10.25 22.78 -22.16
CA TYR B 91 -9.28 21.83 -21.61
C TYR B 91 -9.57 21.63 -20.13
N SER B 92 -9.92 20.39 -19.76
CA SER B 92 -10.48 20.08 -18.44
C SER B 92 -9.80 18.89 -17.80
N LEU B 93 -9.47 19.02 -16.51
CA LEU B 93 -9.09 17.89 -15.68
C LEU B 93 -10.31 17.41 -14.91
N VAL B 94 -10.43 16.09 -14.74
CA VAL B 94 -11.58 15.47 -14.08
C VAL B 94 -11.08 14.47 -13.06
N MET B 95 -11.40 14.71 -11.78
CA MET B 95 -10.92 13.87 -10.68
C MET B 95 -12.12 13.37 -9.87
N GLU B 96 -11.84 12.46 -8.95
CA GLU B 96 -12.92 11.86 -8.19
C GLU B 96 -13.47 12.85 -7.17
N TYR B 97 -14.68 12.56 -6.71
CA TYR B 97 -15.39 13.42 -5.77
C TYR B 97 -14.93 13.12 -4.36
N MET B 98 -14.79 14.17 -3.54
CA MET B 98 -14.31 14.06 -2.16
C MET B 98 -15.23 14.86 -1.24
N GLU B 99 -16.00 14.15 -0.42
CA GLU B 99 -17.17 14.72 0.23
C GLU B 99 -16.82 15.79 1.27
N LYS B 100 -15.77 15.59 2.07
CA LYS B 100 -15.59 16.37 3.30
C LYS B 100 -14.55 17.50 3.19
N GLY B 101 -14.13 17.88 1.99
CA GLY B 101 -13.16 18.97 1.89
C GLY B 101 -11.74 18.53 2.21
N ASN B 102 -10.95 19.47 2.71
CA ASN B 102 -9.55 19.21 3.03
C ASN B 102 -9.34 19.12 4.54
N LEU B 103 -8.10 18.74 4.89
CA LEU B 103 -7.76 18.42 6.27
C LEU B 103 -7.92 19.62 7.21
N MET B 104 -7.58 20.82 6.74
CA MET B 104 -7.75 21.99 7.60
C MET B 104 -9.22 22.25 7.88
N HIS B 105 -10.06 22.15 6.84
CA HIS B 105 -11.50 22.29 7.02
C HIS B 105 -12.01 21.29 8.04
N VAL B 106 -11.52 20.06 7.97
CA VAL B 106 -11.93 19.03 8.91
C VAL B 106 -11.42 19.36 10.32
N LEU B 107 -10.16 19.80 10.42
CA LEU B 107 -9.56 20.11 11.72
C LEU B 107 -10.21 21.30 12.40
N LYS B 108 -10.72 22.27 11.63
CA LYS B 108 -11.39 23.43 12.22
C LYS B 108 -12.84 23.17 12.57
N ALA B 109 -13.40 22.03 12.16
CA ALA B 109 -14.83 21.79 12.36
C ALA B 109 -15.17 21.78 13.84
N GLU B 110 -16.42 22.15 14.13
CA GLU B 110 -16.87 22.26 15.52
C GLU B 110 -16.75 20.94 16.26
N MET B 111 -17.20 19.85 15.63
CA MET B 111 -16.97 18.51 16.17
C MET B 111 -15.48 18.21 16.10
N SER B 112 -14.84 18.08 17.26
CA SER B 112 -13.40 17.84 17.28
C SER B 112 -13.09 16.42 16.81
N THR B 113 -11.89 16.25 16.25
CA THR B 113 -11.50 14.95 15.71
C THR B 113 -10.71 14.18 16.74
N PRO B 114 -11.15 13.00 17.18
CA PRO B 114 -10.46 12.31 18.28
C PRO B 114 -9.08 11.79 17.87
N LEU B 115 -8.28 11.54 18.91
CA LEU B 115 -6.89 11.11 18.75
C LEU B 115 -6.74 9.92 17.82
N SER B 116 -7.62 8.90 17.97
CA SER B 116 -7.52 7.72 17.12
C SER B 116 -7.69 8.09 15.65
N VAL B 117 -8.58 9.04 15.35
CA VAL B 117 -8.80 9.38 13.95
C VAL B 117 -7.62 10.16 13.39
N LYS B 118 -7.07 11.08 14.19
CA LYS B 118 -5.87 11.81 13.80
C LYS B 118 -4.71 10.86 13.55
N GLY B 119 -4.53 9.87 14.42
CA GLY B 119 -3.46 8.90 14.23
C GLY B 119 -3.64 8.08 12.97
N ARG B 120 -4.88 7.75 12.63
CA ARG B 120 -5.14 7.04 11.39
C ARG B 120 -4.95 7.95 10.18
N ILE B 121 -5.38 9.22 10.30
CA ILE B 121 -5.08 10.20 9.25
C ILE B 121 -3.59 10.25 8.96
N ILE B 122 -2.77 10.30 10.02
CA ILE B 122 -1.32 10.36 9.85
C ILE B 122 -0.82 9.12 9.12
N LEU B 123 -1.27 7.95 9.58
CA LEU B 123 -0.86 6.70 8.94
C LEU B 123 -1.24 6.68 7.46
N GLU B 124 -2.44 7.15 7.14
CA GLU B 124 -2.86 7.19 5.74
C GLU B 124 -2.01 8.17 4.92
N ILE B 125 -1.62 9.31 5.51
CA ILE B 125 -0.74 10.23 4.79
C ILE B 125 0.60 9.57 4.48
N ILE B 126 1.15 8.86 5.47
CA ILE B 126 2.40 8.12 5.26
C ILE B 126 2.24 7.08 4.16
N GLU B 127 1.11 6.37 4.17
CA GLU B 127 0.85 5.36 3.14
C GLU B 127 0.81 5.99 1.74
N GLY B 128 0.06 7.09 1.59
CA GLY B 128 -0.01 7.74 0.30
C GLY B 128 1.33 8.29 -0.15
N MET B 129 2.08 8.90 0.77
CA MET B 129 3.39 9.46 0.42
C MET B 129 4.42 8.36 0.10
N ALA B 130 4.39 7.26 0.84
CA ALA B 130 5.26 6.14 0.51
C ALA B 130 4.93 5.56 -0.86
N TYR B 131 3.64 5.52 -1.23
CA TYR B 131 3.27 5.09 -2.58
C TYR B 131 3.82 6.04 -3.63
N LEU B 132 3.61 7.34 -3.44
CA LEU B 132 4.10 8.33 -4.39
C LEU B 132 5.61 8.26 -4.53
N HIS B 133 6.35 8.24 -3.41
CA HIS B 133 7.80 8.15 -3.51
C HIS B 133 8.25 6.82 -4.15
N GLY B 134 7.53 5.73 -3.87
CA GLY B 134 7.86 4.47 -4.51
C GLY B 134 7.67 4.52 -6.01
N LYS B 135 6.87 5.46 -6.50
CA LYS B 135 6.63 5.62 -7.92
C LYS B 135 7.52 6.70 -8.55
N GLY B 136 8.50 7.20 -7.81
CA GLY B 136 9.37 8.25 -8.32
C GLY B 136 8.77 9.64 -8.33
N VAL B 137 7.64 9.85 -7.65
CA VAL B 137 6.92 11.11 -7.69
C VAL B 137 7.24 11.90 -6.42
N ILE B 138 7.74 13.11 -6.59
CA ILE B 138 7.90 14.08 -5.51
C ILE B 138 6.69 14.99 -5.55
N HIS B 139 6.04 15.19 -4.40
CA HIS B 139 4.85 16.03 -4.40
C HIS B 139 5.22 17.49 -4.57
N LYS B 140 6.09 18.00 -3.70
CA LYS B 140 6.70 19.33 -3.67
C LYS B 140 5.77 20.38 -3.05
N ASP B 141 4.49 20.09 -2.84
CA ASP B 141 3.61 21.09 -2.21
C ASP B 141 2.62 20.40 -1.29
N LEU B 142 3.11 19.44 -0.51
CA LEU B 142 2.27 18.81 0.49
C LEU B 142 1.91 19.84 1.55
N LYS B 143 0.63 19.85 1.95
CA LYS B 143 0.04 20.80 2.88
C LYS B 143 -1.41 20.39 3.16
N PRO B 144 -2.01 20.90 4.22
CA PRO B 144 -3.38 20.46 4.57
C PRO B 144 -4.40 20.67 3.45
N GLU B 145 -4.26 21.73 2.64
CA GLU B 145 -5.16 21.96 1.51
C GLU B 145 -5.09 20.86 0.45
N ASN B 146 -3.99 20.11 0.42
CA ASN B 146 -3.79 19.05 -0.55
C ASN B 146 -4.09 17.68 0.04
N ILE B 147 -4.65 17.62 1.25
CA ILE B 147 -5.06 16.37 1.87
C ILE B 147 -6.58 16.41 1.99
N LEU B 148 -7.24 15.72 1.07
CA LEU B 148 -8.69 15.72 0.94
C LEU B 148 -9.29 14.59 1.74
N VAL B 149 -10.52 14.79 2.20
CA VAL B 149 -11.12 13.87 3.15
C VAL B 149 -12.47 13.44 2.61
N ASP B 150 -12.76 12.13 2.70
CA ASP B 150 -14.08 11.62 2.34
C ASP B 150 -14.96 11.58 3.59
N ASN B 151 -16.13 10.92 3.47
CA ASN B 151 -17.16 10.95 4.52
C ASN B 151 -16.73 10.26 5.81
N ASP B 152 -15.89 9.20 5.72
CA ASP B 152 -15.45 8.46 6.90
C ASP B 152 -14.10 8.91 7.44
N PHE B 153 -13.64 10.11 7.08
CA PHE B 153 -12.40 10.71 7.56
C PHE B 153 -11.16 9.98 7.06
N HIS B 154 -11.31 9.14 6.04
CA HIS B 154 -10.15 8.68 5.29
C HIS B 154 -9.70 9.77 4.34
N ILE B 155 -8.41 9.77 3.99
CA ILE B 155 -7.85 10.88 3.25
C ILE B 155 -7.28 10.41 1.94
N LYS B 156 -7.06 11.38 1.04
CA LYS B 156 -6.34 11.17 -0.20
C LYS B 156 -5.49 12.39 -0.47
N ILE B 157 -4.31 12.15 -0.98
CA ILE B 157 -3.35 13.19 -1.30
C ILE B 157 -3.65 13.67 -2.70
N ALA B 158 -3.73 14.99 -2.85
CA ALA B 158 -4.08 15.63 -4.11
C ALA B 158 -3.01 16.65 -4.49
N ASP B 159 -3.09 17.14 -5.73
CA ASP B 159 -2.17 18.15 -6.24
C ASP B 159 -2.99 19.29 -6.86
N LEU B 160 -3.77 19.96 -6.01
CA LEU B 160 -4.74 20.93 -6.49
C LEU B 160 -4.07 22.17 -7.06
N GLY B 161 -2.81 22.42 -6.69
CA GLY B 161 -2.01 23.49 -7.23
C GLY B 161 -1.31 23.16 -8.52
N LEU B 162 -1.47 21.93 -9.01
CA LEU B 162 -0.88 21.48 -10.28
C LEU B 162 0.65 21.55 -10.26
N ALA B 163 1.26 21.40 -9.08
CA ALA B 163 2.71 21.41 -9.00
C ALA B 163 3.32 20.21 -9.70
N SER B 164 2.55 19.14 -9.92
CA SER B 164 3.02 17.99 -10.68
C SER B 164 2.44 17.93 -12.09
N PHE B 165 1.37 18.68 -12.37
CA PHE B 165 0.82 18.81 -13.72
C PHE B 165 1.57 19.92 -14.46
N LYS B 166 2.76 19.57 -14.98
CA LYS B 166 3.64 20.58 -15.60
C LYS B 166 2.95 21.30 -16.76
N MET B 167 2.50 20.55 -17.76
CA MET B 167 1.80 21.15 -18.89
C MET B 167 0.52 21.85 -18.45
N TRP B 168 -0.37 21.12 -17.78
CA TRP B 168 -1.69 21.65 -17.42
C TRP B 168 -1.59 22.88 -16.56
N SER B 169 -0.56 22.97 -15.74
CA SER B 169 -0.31 24.19 -14.97
C SER B 169 0.02 25.35 -15.91
N LEU B 171 -1.38 26.58 -18.64
CA LEU B 171 -2.69 26.93 -19.17
C LEU B 171 -3.42 27.98 -18.31
N ASN B 172 -3.17 27.95 -17.01
CA ASN B 172 -3.74 28.98 -16.12
C ASN B 172 -2.81 30.17 -16.00
N GLY B 191 1.38 32.73 4.03
CA GLY B 191 0.59 31.55 4.33
C GLY B 191 0.91 30.33 3.47
N THR B 192 1.20 30.57 2.19
CA THR B 192 1.44 29.44 1.30
C THR B 192 2.80 28.77 1.51
N LEU B 193 3.71 29.35 2.29
CA LEU B 193 5.05 28.77 2.42
C LEU B 193 5.31 28.06 3.75
N TYR B 194 4.32 27.93 4.64
CA TYR B 194 4.56 27.38 5.98
C TYR B 194 5.00 25.92 5.98
N TYR B 195 4.74 25.18 4.90
CA TYR B 195 5.03 23.76 4.83
C TYR B 195 6.26 23.47 3.95
N MET B 196 6.95 24.51 3.49
CA MET B 196 8.02 24.36 2.50
C MET B 196 9.37 24.18 3.17
N ALA B 197 10.11 23.15 2.75
CA ALA B 197 11.42 22.89 3.32
C ALA B 197 12.36 24.09 3.13
N PRO B 198 13.19 24.40 4.12
CA PRO B 198 13.94 25.67 4.07
C PRO B 198 14.91 25.76 2.91
N GLU B 199 15.41 24.62 2.42
CA GLU B 199 16.27 24.58 1.24
C GLU B 199 15.57 25.11 -0.01
N HIS B 200 14.23 25.27 0.01
CA HIS B 200 13.52 25.86 -1.11
C HIS B 200 13.15 27.32 -0.88
N LEU B 201 13.19 27.78 0.38
CA LEU B 201 12.92 29.18 0.66
C LEU B 201 14.05 30.04 0.11
N ASN B 202 13.71 31.02 -0.74
CA ASN B 202 14.69 31.89 -1.38
C ASN B 202 15.75 31.12 -2.21
N ASP B 203 15.42 29.90 -2.64
CA ASP B 203 16.27 29.09 -3.54
C ASP B 203 15.33 28.32 -4.44
N VAL B 204 14.93 28.97 -5.56
CA VAL B 204 13.91 28.42 -6.44
C VAL B 204 14.48 27.51 -7.52
N ASN B 205 15.79 27.51 -7.71
CA ASN B 205 16.37 26.65 -8.71
C ASN B 205 16.92 25.34 -8.14
N ALA B 206 17.01 25.22 -6.81
CA ALA B 206 17.37 23.95 -6.21
C ALA B 206 16.26 22.92 -6.44
N LYS B 207 16.66 21.67 -6.68
CA LYS B 207 15.75 20.62 -7.12
C LYS B 207 15.12 19.95 -5.90
N PRO B 208 13.81 19.77 -5.89
CA PRO B 208 13.20 19.12 -4.72
C PRO B 208 13.53 17.64 -4.66
N THR B 209 13.52 17.10 -3.44
CA THR B 209 13.82 15.69 -3.21
C THR B 209 12.70 15.08 -2.36
N GLU B 210 12.77 13.76 -2.14
CA GLU B 210 11.84 13.13 -1.21
C GLU B 210 11.88 13.78 0.16
N LYS B 211 13.05 14.31 0.57
CA LYS B 211 13.16 14.91 1.89
C LYS B 211 12.43 16.24 1.96
N SER B 212 12.21 16.87 0.81
CA SER B 212 11.36 18.04 0.74
C SER B 212 9.96 17.74 1.26
N ASP B 213 9.39 16.61 0.81
CA ASP B 213 8.07 16.19 1.28
C ASP B 213 8.09 15.77 2.74
N VAL B 214 9.23 15.28 3.25
CA VAL B 214 9.23 14.83 4.63
C VAL B 214 9.15 16.03 5.56
N TYR B 215 9.81 17.13 5.19
CA TYR B 215 9.66 18.37 5.92
C TYR B 215 8.20 18.85 5.93
N SER B 216 7.55 18.87 4.75
CA SER B 216 6.15 19.29 4.71
C SER B 216 5.31 18.42 5.64
N PHE B 217 5.55 17.11 5.61
CA PHE B 217 4.82 16.20 6.49
C PHE B 217 5.02 16.57 7.96
N ALA B 218 6.24 16.99 8.34
CA ALA B 218 6.49 17.40 9.73
C ALA B 218 5.55 18.54 10.14
N VAL B 219 5.40 19.55 9.30
CA VAL B 219 4.57 20.69 9.68
C VAL B 219 3.10 20.32 9.62
N VAL B 220 2.72 19.40 8.73
CA VAL B 220 1.36 18.90 8.71
C VAL B 220 1.04 18.19 10.04
N LEU B 221 1.98 17.40 10.55
CA LEU B 221 1.79 16.77 11.86
C LEU B 221 1.50 17.80 12.95
N TRP B 222 2.25 18.91 12.94
CA TRP B 222 2.02 19.97 13.91
C TRP B 222 0.61 20.56 13.75
N ALA B 223 0.23 20.90 12.52
CA ALA B 223 -1.11 21.44 12.27
C ALA B 223 -2.19 20.45 12.69
N ILE B 224 -1.98 19.15 12.47
CA ILE B 224 -3.00 18.17 12.85
C ILE B 224 -3.30 18.27 14.34
N PHE B 225 -2.28 18.46 15.16
CA PHE B 225 -2.49 18.49 16.59
C PHE B 225 -2.73 19.88 17.14
N ALA B 226 -2.34 20.92 16.41
CA ALA B 226 -2.65 22.28 16.82
C ALA B 226 -4.00 22.75 16.32
N ASN B 227 -4.58 22.07 15.33
CA ASN B 227 -5.86 22.43 14.72
C ASN B 227 -5.82 23.81 14.05
N LYS B 228 -4.63 24.27 13.68
CA LYS B 228 -4.50 25.58 13.07
C LYS B 228 -3.20 25.60 12.30
N GLU B 229 -3.00 26.68 11.51
CA GLU B 229 -1.78 26.86 10.76
C GLU B 229 -0.68 27.41 11.68
N PRO B 230 0.59 27.11 11.41
CA PRO B 230 1.67 27.59 12.28
C PRO B 230 1.97 29.08 12.08
N TYR B 231 2.84 29.59 12.97
CA TYR B 231 3.47 30.91 12.81
C TYR B 231 2.47 32.06 12.85
N GLU B 232 1.38 31.89 13.60
CA GLU B 232 0.40 32.98 13.66
C GLU B 232 1.00 34.29 14.19
N ASN B 233 2.15 34.24 14.87
CA ASN B 233 2.76 35.43 15.47
C ASN B 233 3.90 36.03 14.65
N ALA B 234 4.14 35.53 13.44
CA ALA B 234 5.25 36.00 12.63
C ALA B 234 5.10 37.49 12.29
N ILE B 235 6.23 38.15 12.04
CA ILE B 235 6.20 39.59 11.77
C ILE B 235 5.66 39.85 10.37
N ALA B 236 6.39 39.38 9.38
CA ALA B 236 6.09 39.55 7.97
C ALA B 236 6.75 38.38 7.26
N GLU B 237 6.24 38.07 6.07
CA GLU B 237 6.68 36.87 5.37
C GLU B 237 8.19 36.87 5.13
N GLN B 238 8.74 38.02 4.73
CA GLN B 238 10.17 38.10 4.43
C GLN B 238 11.01 37.74 5.65
N GLN B 239 10.72 38.36 6.80
CA GLN B 239 11.44 38.02 8.02
C GLN B 239 11.19 36.56 8.41
N LEU B 240 9.95 36.09 8.28
CA LEU B 240 9.64 34.72 8.67
C LEU B 240 10.47 33.72 7.88
N ILE B 241 10.55 33.90 6.56
CA ILE B 241 11.36 33.02 5.70
C ILE B 241 12.79 32.92 6.23
N MET B 242 13.44 34.06 6.46
CA MET B 242 14.80 34.05 6.98
C MET B 242 14.86 33.36 8.34
N ALA B 243 13.85 33.57 9.18
CA ALA B 243 13.84 32.88 10.48
C ALA B 243 13.79 31.36 10.29
N ILE B 244 12.96 30.87 9.38
CA ILE B 244 12.85 29.43 9.19
C ILE B 244 14.15 28.88 8.61
N LYS B 245 14.77 29.62 7.68
CA LYS B 245 16.05 29.20 7.10
C LYS B 245 17.13 29.09 8.18
N SER B 246 17.02 29.88 9.24
CA SER B 246 18.01 29.84 10.30
C SER B 246 17.63 28.92 11.45
N GLY B 247 16.49 28.22 11.35
CA GLY B 247 16.12 27.15 12.27
C GLY B 247 14.82 27.33 13.03
N ASN B 248 14.07 28.42 12.85
CA ASN B 248 12.78 28.53 13.51
C ASN B 248 11.78 27.54 12.91
N ARG B 249 10.94 26.98 13.79
CA ARG B 249 9.96 25.94 13.46
C ARG B 249 8.63 26.24 14.17
N PRO B 250 7.54 25.55 13.83
CA PRO B 250 6.28 25.79 14.55
C PRO B 250 6.47 25.63 16.06
N ASP B 251 5.75 26.45 16.81
CA ASP B 251 5.85 26.42 18.26
C ASP B 251 5.13 25.18 18.81
N VAL B 252 5.91 24.22 19.31
CA VAL B 252 5.35 23.00 19.88
C VAL B 252 4.46 23.30 21.09
N ASP B 253 4.79 24.35 21.86
CA ASP B 253 3.96 24.71 23.02
C ASP B 253 2.63 25.35 22.64
N ASP B 254 2.41 25.67 21.37
CA ASP B 254 1.09 26.05 20.91
C ASP B 254 0.22 24.85 20.58
N ILE B 255 0.71 23.63 20.80
CA ILE B 255 -0.14 22.44 20.79
C ILE B 255 -0.75 22.31 22.18
N THR B 256 -2.05 22.56 22.28
CA THR B 256 -2.74 22.50 23.56
C THR B 256 -3.40 21.15 23.82
N GLU B 257 -3.94 20.51 22.77
CA GLU B 257 -4.37 19.12 22.84
C GLU B 257 -3.26 18.21 23.36
N TYR B 258 -3.65 17.06 23.89
CA TYR B 258 -2.70 15.98 24.12
C TYR B 258 -2.10 15.50 22.79
N CYS B 259 -0.77 15.49 22.72
CA CYS B 259 -0.04 14.97 21.57
C CYS B 259 0.97 13.95 22.07
N PRO B 260 0.82 12.68 21.68
CA PRO B 260 1.79 11.65 22.10
C PRO B 260 3.22 12.11 21.89
N ARG B 261 4.08 11.76 22.84
CA ARG B 261 5.48 12.18 22.76
C ARG B 261 6.16 11.62 21.51
N GLU B 262 5.68 10.49 21.00
CA GLU B 262 6.24 9.93 19.77
C GLU B 262 6.01 10.87 18.60
N ILE B 263 4.82 11.45 18.51
CA ILE B 263 4.52 12.32 17.37
C ILE B 263 5.30 13.62 17.48
N ILE B 264 5.50 14.13 18.71
CA ILE B 264 6.34 15.32 18.91
C ILE B 264 7.77 15.03 18.43
N SER B 265 8.32 13.87 18.81
CA SER B 265 9.66 13.51 18.37
C SER B 265 9.73 13.32 16.85
N LEU B 266 8.69 12.74 16.27
CA LEU B 266 8.64 12.51 14.83
C LEU B 266 8.59 13.81 14.04
N MET B 267 7.78 14.79 14.48
CA MET B 267 7.75 16.05 13.74
C MET B 267 9.09 16.76 13.83
N LYS B 268 9.74 16.75 15.00
CA LYS B 268 11.04 17.42 15.09
C LYS B 268 12.11 16.72 14.26
N LEU B 269 12.05 15.39 14.15
CA LEU B 269 12.97 14.68 13.27
C LEU B 269 12.71 15.02 11.81
N CYS B 270 11.44 15.10 11.42
CA CYS B 270 11.13 15.33 10.02
C CYS B 270 11.35 16.78 9.58
N TRP B 271 11.52 17.71 10.51
CA TRP B 271 11.80 19.08 10.11
C TRP B 271 13.23 19.53 10.44
N GLU B 272 14.15 18.58 10.65
CA GLU B 272 15.57 18.89 10.76
C GLU B 272 16.05 19.71 9.57
N ALA B 273 16.89 20.70 9.84
CA ALA B 273 17.43 21.55 8.78
C ALA B 273 18.15 20.72 7.71
N ASN B 274 19.01 19.80 8.11
CA ASN B 274 19.77 18.97 7.17
C ASN B 274 18.87 17.92 6.54
N PRO B 275 18.60 17.97 5.21
CA PRO B 275 17.63 17.02 4.63
C PRO B 275 17.98 15.56 4.88
N GLU B 276 19.28 15.25 4.92
CA GLU B 276 19.77 13.90 5.14
C GLU B 276 19.40 13.35 6.50
N ALA B 277 19.17 14.23 7.49
CA ALA B 277 18.81 13.80 8.82
C ALA B 277 17.32 13.48 8.94
N ARG B 278 16.52 13.84 7.93
CA ARG B 278 15.11 13.45 7.96
C ARG B 278 14.96 12.00 7.48
N PRO B 279 14.02 11.26 8.06
CA PRO B 279 13.80 9.88 7.61
C PRO B 279 13.13 9.85 6.23
N THR B 280 13.03 8.65 5.68
CA THR B 280 12.22 8.38 4.50
C THR B 280 10.81 7.97 4.94
N PHE B 281 9.85 8.08 4.02
CA PHE B 281 8.50 7.66 4.37
C PHE B 281 8.41 6.17 4.68
N PRO B 282 9.06 5.25 3.96
CA PRO B 282 9.12 3.85 4.46
C PRO B 282 9.72 3.74 5.84
N GLY B 283 10.78 4.51 6.13
CA GLY B 283 11.32 4.47 7.49
C GLY B 283 10.33 4.97 8.53
N ILE B 284 9.57 6.03 8.18
CA ILE B 284 8.57 6.55 9.10
C ILE B 284 7.48 5.53 9.32
N GLU B 285 6.97 4.94 8.24
CA GLU B 285 5.90 3.97 8.35
C GLU B 285 6.30 2.83 9.28
N GLU B 286 7.54 2.32 9.14
CA GLU B 286 7.92 1.11 9.86
C GLU B 286 7.98 1.36 11.35
N LYS B 287 8.23 2.61 11.75
CA LYS B 287 8.12 2.95 13.16
C LYS B 287 6.70 3.35 13.53
N PHE B 288 6.01 4.12 12.68
CA PHE B 288 4.74 4.70 13.11
C PHE B 288 3.63 3.66 13.18
N ARG B 289 3.58 2.73 12.21
CA ARG B 289 2.52 1.73 12.22
C ARG B 289 2.47 0.91 13.50
N PRO B 290 3.60 0.38 14.02
CA PRO B 290 3.50 -0.36 15.28
C PRO B 290 3.00 0.51 16.41
N PHE B 291 3.41 1.78 16.44
CA PHE B 291 2.93 2.72 17.45
C PHE B 291 1.43 2.95 17.33
N TYR B 292 0.95 3.19 16.10
CA TYR B 292 -0.47 3.41 15.86
C TYR B 292 -1.32 2.23 16.33
N LEU B 293 -0.94 1.01 15.94
CA LEU B 293 -1.71 -0.16 16.32
C LEU B 293 -1.67 -0.38 17.82
N SER B 294 -0.47 -0.28 18.41
CA SER B 294 -0.29 -0.56 19.83
C SER B 294 -1.00 0.48 20.71
N GLN B 295 -0.98 1.75 20.31
CA GLN B 295 -1.36 2.81 21.22
C GLN B 295 -2.54 3.66 20.77
N LEU B 296 -2.81 3.78 19.48
CA LEU B 296 -3.79 4.78 19.04
C LEU B 296 -5.06 4.19 18.46
N GLU B 297 -4.99 2.99 17.87
CA GLU B 297 -6.09 2.44 17.09
C GLU B 297 -7.31 2.13 17.93
#